data_7JR8
#
_entry.id   7JR8
#
_cell.length_a   47.082
_cell.length_b   93.489
_cell.length_c   47.913
_cell.angle_alpha   90.000
_cell.angle_beta   105.519
_cell.angle_gamma   90.000
#
_symmetry.space_group_name_H-M   'P 1 21 1'
#
loop_
_entity.id
_entity.type
_entity.pdbx_description
1 polymer 'Hematopoietic prostaglandin D synthase'
2 non-polymer 'CHLORIDE ION'
3 non-polymer 1,2-ETHANEDIOL
4 non-polymer GLUTATHIONE
5 non-polymer N-[trans-4-(2-hydroxypropan-2-yl)cyclohexyl]-2-phenylimidazo[1,2-a]pyridine-6-carboxamide
6 non-polymer 'MAGNESIUM ION'
7 non-polymer 'SODIUM ION'
8 water water
#
_entity_poly.entity_id   1
_entity_poly.type   'polypeptide(L)'
_entity_poly.pdbx_seq_one_letter_code
;GMPNYKLTYFNMRGRAEIIRYIFAYLDIQYEDHRIEQADWPEIKSTLPFGKIPILEVDGLTLHQSLAIARYLTKNTDLAG
NTEMEQCHVDAIVDTLDDFMSCFPWAEKKQDVKEQMFNELLTYNAPHLMQDLDTYLGGREWLIGNSVTWADFYWEICSTT
LLVFKPDLLDNHPRLVTLRKKVQAIPAVANWIKRRPQTKL
;
_entity_poly.pdbx_strand_id   A,B
#
loop_
_chem_comp.id
_chem_comp.type
_chem_comp.name
_chem_comp.formula
CL non-polymer 'CHLORIDE ION' 'Cl -1'
EDO non-polymer 1,2-ETHANEDIOL 'C2 H6 O2'
GSH non-polymer GLUTATHIONE 'C10 H17 N3 O6 S'
MG non-polymer 'MAGNESIUM ION' 'Mg 2'
NA non-polymer 'SODIUM ION' 'Na 1'
VH7 non-polymer N-[trans-4-(2-hydroxypropan-2-yl)cyclohexyl]-2-phenylimidazo[1,2-a]pyridine-6-carboxamide 'C23 H27 N3 O2'
#
# COMPACT_ATOMS: atom_id res chain seq x y z
N GLY A 1 -10.60 -4.30 -28.89
CA GLY A 1 -11.07 -2.94 -29.15
C GLY A 1 -10.46 -1.96 -28.18
N MET A 2 -10.45 -0.69 -28.58
CA MET A 2 -9.95 0.37 -27.73
C MET A 2 -10.69 0.37 -26.39
N PRO A 3 -10.00 0.43 -25.26
CA PRO A 3 -10.67 0.37 -23.95
C PRO A 3 -11.42 1.64 -23.63
N ASN A 4 -12.49 1.50 -22.84
CA ASN A 4 -13.28 2.63 -22.37
C ASN A 4 -12.91 2.92 -20.92
N TYR A 5 -12.15 3.98 -20.70
CA TYR A 5 -11.64 4.35 -19.39
C TYR A 5 -12.21 5.68 -18.92
N LYS A 6 -12.61 5.74 -17.64
CA LYS A 6 -13.01 6.99 -17.00
C LYS A 6 -12.40 7.03 -15.60
N LEU A 7 -11.51 7.98 -15.39
CA LEU A 7 -10.87 8.20 -14.11
C LEU A 7 -11.65 9.28 -13.37
N THR A 8 -12.00 9.06 -12.11
CA THR A 8 -12.64 10.07 -11.29
C THR A 8 -11.76 10.44 -10.11
N TYR A 9 -11.49 11.73 -9.96
CA TYR A 9 -10.74 12.25 -8.83
C TYR A 9 -11.10 13.73 -8.67
N PHE A 10 -10.57 14.35 -7.63
CA PHE A 10 -10.65 15.79 -7.53
C PHE A 10 -9.82 16.48 -8.60
N ASN A 11 -10.00 17.79 -8.71
CA ASN A 11 -9.23 18.62 -9.64
C ASN A 11 -7.90 19.00 -9.02
N MET A 12 -7.05 17.99 -8.95
CA MET A 12 -5.73 18.05 -8.35
CA MET A 12 -5.68 18.15 -8.52
C MET A 12 -4.91 16.94 -8.97
N ARG A 13 -3.59 17.05 -8.86
CA ARG A 13 -2.74 15.91 -9.14
C ARG A 13 -2.99 14.80 -8.12
N GLY A 14 -2.71 15.09 -6.87
CA GLY A 14 -2.98 14.20 -5.77
C GLY A 14 -2.65 12.75 -6.07
N ARG A 15 -3.56 11.87 -5.61
CA ARG A 15 -3.45 10.43 -5.72
CA ARG A 15 -3.40 10.44 -5.71
C ARG A 15 -3.79 9.90 -7.09
N ALA A 16 -4.37 10.72 -7.96
CA ALA A 16 -4.68 10.26 -9.30
C ALA A 16 -3.50 10.41 -10.25
N GLU A 17 -2.53 11.26 -9.92
CA GLU A 17 -1.53 11.65 -10.90
C GLU A 17 -0.71 10.46 -11.40
N ILE A 18 -0.42 9.48 -10.53
CA ILE A 18 0.33 8.33 -10.99
C ILE A 18 -0.41 7.62 -12.12
N ILE A 19 -1.74 7.51 -12.01
CA ILE A 19 -2.53 6.89 -13.07
C ILE A 19 -2.47 7.74 -14.33
N ARG A 20 -2.57 9.06 -14.18
CA ARG A 20 -2.50 9.96 -15.33
C ARG A 20 -1.15 9.86 -16.04
N TYR A 21 -0.05 9.73 -15.29
CA TYR A 21 1.25 9.55 -15.93
C TYR A 21 1.29 8.27 -16.73
N ILE A 22 0.75 7.19 -16.16
CA ILE A 22 0.80 5.90 -16.83
C ILE A 22 -0.04 5.91 -18.11
N PHE A 23 -1.26 6.48 -18.06
CA PHE A 23 -2.07 6.61 -19.27
C PHE A 23 -1.33 7.43 -20.32
N ALA A 24 -0.68 8.52 -19.92
CA ALA A 24 0.07 9.32 -20.88
C ALA A 24 1.17 8.51 -21.52
N TYR A 25 1.96 7.80 -20.70
CA TYR A 25 3.10 7.04 -21.18
C TYR A 25 2.69 5.94 -22.14
N LEU A 26 1.54 5.33 -21.89
CA LEU A 26 1.04 4.22 -22.69
C LEU A 26 0.15 4.68 -23.85
N ASP A 27 0.02 5.97 -24.08
CA ASP A 27 -0.81 6.48 -25.17
C ASP A 27 -2.24 5.99 -25.06
N ILE A 28 -2.80 6.00 -23.85
CA ILE A 28 -4.14 5.52 -23.61
C ILE A 28 -5.07 6.71 -23.47
N GLN A 29 -6.15 6.71 -24.26
CA GLN A 29 -7.17 7.74 -24.15
CA GLN A 29 -7.18 7.74 -24.15
C GLN A 29 -8.14 7.41 -23.01
N TYR A 30 -8.46 8.43 -22.22
CA TYR A 30 -9.36 8.23 -21.10
C TYR A 30 -10.08 9.54 -20.81
N GLU A 31 -11.22 9.42 -20.13
CA GLU A 31 -11.89 10.57 -19.59
C GLU A 31 -11.29 10.92 -18.25
N ASP A 32 -10.72 12.12 -18.14
CA ASP A 32 -10.08 12.60 -16.91
C ASP A 32 -11.14 13.42 -16.16
N HIS A 33 -12.00 12.71 -15.45
CA HIS A 33 -13.14 13.34 -14.81
C HIS A 33 -12.72 13.92 -13.46
N ARG A 34 -12.87 15.24 -13.32
CA ARG A 34 -12.41 15.98 -12.16
C ARG A 34 -13.60 16.61 -11.47
N ILE A 35 -13.84 16.21 -10.24
CA ILE A 35 -14.94 16.73 -9.45
C ILE A 35 -14.44 17.82 -8.52
N GLU A 36 -15.36 18.67 -8.10
CA GLU A 36 -15.03 19.64 -7.07
C GLU A 36 -15.43 19.09 -5.71
N GLN A 37 -14.86 19.69 -4.67
CA GLN A 37 -15.13 19.19 -3.34
C GLN A 37 -16.62 19.26 -3.02
N ALA A 38 -17.33 20.22 -3.62
CA ALA A 38 -18.77 20.35 -3.40
C ALA A 38 -19.57 19.22 -4.01
N ASP A 39 -18.98 18.47 -4.95
CA ASP A 39 -19.61 17.29 -5.51
C ASP A 39 -19.44 16.06 -4.62
N TRP A 40 -18.52 16.12 -3.67
CA TRP A 40 -18.15 14.93 -2.92
C TRP A 40 -19.31 14.31 -2.17
N PRO A 41 -20.11 15.08 -1.43
CA PRO A 41 -21.14 14.45 -0.61
C PRO A 41 -22.08 13.57 -1.42
N GLU A 42 -22.43 13.97 -2.63
CA GLU A 42 -23.35 13.13 -3.38
C GLU A 42 -22.67 12.00 -4.14
N ILE A 43 -21.38 12.11 -4.46
CA ILE A 43 -20.69 10.99 -5.13
C ILE A 43 -20.30 9.88 -4.14
N LYS A 44 -20.12 10.21 -2.86
CA LYS A 44 -19.51 9.27 -1.93
C LYS A 44 -20.24 7.93 -1.92
N SER A 45 -21.58 7.95 -1.90
CA SER A 45 -22.29 6.69 -1.77
C SER A 45 -22.14 5.77 -2.98
N THR A 46 -21.66 6.29 -4.11
CA THR A 46 -21.51 5.47 -5.30
C THR A 46 -20.19 4.73 -5.35
N LEU A 47 -19.30 4.97 -4.40
CA LEU A 47 -17.92 4.50 -4.42
C LEU A 47 -17.85 3.20 -3.63
N PRO A 48 -17.00 2.25 -4.03
CA PRO A 48 -17.01 0.96 -3.31
C PRO A 48 -16.56 1.08 -1.88
N PHE A 49 -15.59 1.94 -1.60
CA PHE A 49 -15.04 2.07 -0.26
C PHE A 49 -14.98 3.53 0.16
N GLY A 50 -15.82 4.37 -0.44
CA GLY A 50 -15.93 5.74 0.02
C GLY A 50 -14.78 6.65 -0.30
N LYS A 51 -13.88 6.26 -1.21
CA LYS A 51 -12.69 7.01 -1.52
C LYS A 51 -12.50 7.13 -3.03
N ILE A 52 -11.74 8.16 -3.44
CA ILE A 52 -11.28 8.32 -4.83
C ILE A 52 -9.76 8.44 -4.80
N PRO A 53 -9.07 8.09 -5.88
CA PRO A 53 -9.59 7.81 -7.21
C PRO A 53 -10.31 6.49 -7.36
N ILE A 54 -11.22 6.48 -8.33
CA ILE A 54 -11.71 5.25 -8.95
C ILE A 54 -11.42 5.31 -10.43
N LEU A 55 -11.35 4.13 -11.04
CA LEU A 55 -11.19 4.02 -12.48
C LEU A 55 -12.23 3.04 -13.00
N GLU A 56 -13.05 3.51 -13.92
CA GLU A 56 -13.99 2.65 -14.63
C GLU A 56 -13.36 2.18 -15.93
N VAL A 57 -13.47 0.88 -16.19
CA VAL A 57 -12.91 0.28 -17.40
C VAL A 57 -13.92 -0.71 -17.97
N ASP A 58 -14.44 -0.40 -19.15
CA ASP A 58 -15.32 -1.30 -19.89
C ASP A 58 -16.48 -1.80 -19.03
N GLY A 59 -17.02 -0.90 -18.19
CA GLY A 59 -18.17 -1.19 -17.36
C GLY A 59 -17.85 -1.64 -15.96
N LEU A 60 -16.58 -1.84 -15.62
CA LEU A 60 -16.16 -2.29 -14.29
C LEU A 60 -15.56 -1.14 -13.50
N THR A 61 -15.70 -1.15 -12.19
CA THR A 61 -15.13 -0.13 -11.33
C THR A 61 -13.96 -0.70 -10.54
N LEU A 62 -12.84 0.00 -10.61
CA LEU A 62 -11.64 -0.28 -9.83
CA LEU A 62 -11.64 -0.28 -9.84
C LEU A 62 -11.41 0.87 -8.86
N HIS A 63 -10.71 0.58 -7.77
CA HIS A 63 -10.35 1.60 -6.79
C HIS A 63 -8.93 1.30 -6.30
N GLN A 64 -8.39 2.24 -5.51
CA GLN A 64 -7.04 2.23 -4.93
C GLN A 64 -6.00 2.62 -5.97
N SER A 65 -5.45 3.83 -5.81
CA SER A 65 -4.61 4.40 -6.85
C SER A 65 -3.44 3.49 -7.25
N LEU A 66 -2.79 2.86 -6.27
CA LEU A 66 -1.60 2.05 -6.55
C LEU A 66 -1.98 0.68 -7.06
N ALA A 67 -3.11 0.13 -6.61
CA ALA A 67 -3.62 -1.09 -7.21
C ALA A 67 -3.90 -0.89 -8.69
N ILE A 68 -4.51 0.24 -9.03
CA ILE A 68 -4.81 0.59 -10.41
C ILE A 68 -3.52 0.81 -11.20
N ALA A 69 -2.59 1.56 -10.62
CA ALA A 69 -1.32 1.82 -11.32
C ALA A 69 -0.58 0.53 -11.63
N ARG A 70 -0.55 -0.39 -10.67
CA ARG A 70 0.12 -1.66 -10.88
C ARG A 70 -0.57 -2.45 -11.99
N TYR A 71 -1.88 -2.49 -11.97
CA TYR A 71 -2.65 -3.16 -13.00
C TYR A 71 -2.35 -2.61 -14.39
N LEU A 72 -2.30 -1.29 -14.52
CA LEU A 72 -2.08 -0.68 -15.82
C LEU A 72 -0.67 -0.90 -16.32
N THR A 73 0.29 -1.10 -15.44
CA THR A 73 1.68 -1.28 -15.85
C THR A 73 2.08 -2.73 -16.06
N LYS A 74 1.27 -3.69 -15.64
N LYS A 74 1.22 -3.69 -15.68
CA LYS A 74 1.64 -5.07 -15.89
CA LYS A 74 1.49 -5.11 -15.92
C LYS A 74 1.80 -5.27 -17.40
C LYS A 74 1.73 -5.34 -17.42
N ASN A 75 2.79 -6.07 -17.75
CA ASN A 75 3.12 -6.36 -19.13
C ASN A 75 3.54 -5.12 -19.93
N THR A 76 3.98 -4.07 -19.26
CA THR A 76 4.60 -2.92 -19.90
C THR A 76 6.01 -2.76 -19.37
N ASP A 77 6.78 -1.90 -20.03
CA ASP A 77 8.15 -1.72 -19.59
C ASP A 77 8.25 -0.81 -18.37
N LEU A 78 7.13 -0.36 -17.79
CA LEU A 78 7.17 0.35 -16.52
C LEU A 78 7.13 -0.56 -15.30
N ALA A 79 6.89 -1.86 -15.47
N ALA A 79 6.70 -1.80 -15.49
CA ALA A 79 6.55 -2.72 -14.34
CA ALA A 79 6.86 -2.77 -14.44
C ALA A 79 7.73 -3.10 -13.45
C ALA A 79 8.31 -3.17 -14.33
N GLY A 80 8.91 -3.18 -14.01
N GLY A 80 8.66 -3.70 -13.17
CA GLY A 80 10.00 -3.85 -13.36
CA GLY A 80 10.01 -4.20 -12.98
C GLY A 80 10.36 -5.03 -14.22
C GLY A 80 10.38 -5.24 -14.02
N ASN A 81 11.66 -5.23 -14.41
CA ASN A 81 12.16 -6.08 -15.48
C ASN A 81 12.33 -7.53 -15.05
N THR A 82 12.25 -7.82 -13.76
CA THR A 82 12.30 -9.17 -13.21
C THR A 82 11.29 -9.25 -12.07
N GLU A 83 10.96 -10.48 -11.64
CA GLU A 83 9.95 -10.60 -10.59
C GLU A 83 10.43 -9.96 -9.30
N MET A 84 11.72 -10.13 -8.99
CA MET A 84 12.30 -9.51 -7.81
C MET A 84 12.30 -8.00 -7.95
N GLU A 85 12.64 -7.46 -9.13
CA GLU A 85 12.58 -6.01 -9.31
C GLU A 85 11.15 -5.50 -9.16
N GLN A 86 10.15 -6.27 -9.57
CA GLN A 86 8.76 -5.84 -9.33
C GLN A 86 8.47 -5.70 -7.84
N CYS A 87 9.04 -6.58 -7.03
CA CYS A 87 8.91 -6.44 -5.60
C CYS A 87 9.56 -5.17 -5.11
N HIS A 88 10.77 -4.87 -5.62
N HIS A 88 10.73 -4.83 -5.64
CA HIS A 88 11.43 -3.62 -5.25
CA HIS A 88 11.38 -3.60 -5.20
C HIS A 88 10.60 -2.40 -5.65
C HIS A 88 10.61 -2.36 -5.67
N VAL A 89 10.04 -2.42 -6.87
CA VAL A 89 9.18 -1.32 -7.33
C VAL A 89 8.04 -1.13 -6.35
N ASP A 90 7.36 -2.21 -6.02
CA ASP A 90 6.22 -2.16 -5.11
C ASP A 90 6.62 -1.61 -3.74
N ALA A 91 7.80 -2.01 -3.24
CA ALA A 91 8.22 -1.59 -1.92
C ALA A 91 8.53 -0.11 -1.89
N ILE A 92 9.24 0.39 -2.92
CA ILE A 92 9.54 1.82 -2.97
C ILE A 92 8.25 2.63 -3.05
N VAL A 93 7.31 2.20 -3.88
CA VAL A 93 6.05 2.92 -4.00
C VAL A 93 5.33 2.95 -2.66
N ASP A 94 5.28 1.83 -1.94
CA ASP A 94 4.60 1.85 -0.65
C ASP A 94 5.34 2.72 0.37
N THR A 95 6.68 2.73 0.37
CA THR A 95 7.41 3.62 1.27
C THR A 95 7.05 5.07 1.01
N LEU A 96 7.00 5.46 -0.27
CA LEU A 96 6.61 6.83 -0.63
C LEU A 96 5.17 7.09 -0.21
N ASP A 97 4.28 6.16 -0.52
CA ASP A 97 2.87 6.38 -0.22
C ASP A 97 2.62 6.42 1.28
N ASP A 98 3.32 5.58 2.03
CA ASP A 98 3.17 5.60 3.49
C ASP A 98 3.51 7.00 4.02
N PHE A 99 4.58 7.61 3.49
CA PHE A 99 4.95 8.93 3.96
C PHE A 99 3.92 9.98 3.57
N MET A 100 3.49 9.98 2.31
CA MET A 100 2.52 10.98 1.87
C MET A 100 1.21 10.83 2.62
N SER A 101 0.88 9.60 3.01
CA SER A 101 -0.37 9.32 3.71
C SER A 101 -0.33 9.76 5.17
N CYS A 102 0.85 10.10 5.71
CA CYS A 102 0.96 10.64 7.07
C CYS A 102 0.44 12.06 7.14
N PHE A 103 0.47 12.79 6.04
CA PHE A 103 0.06 14.19 6.10
C PHE A 103 -1.43 14.26 6.37
N PRO A 104 -1.88 15.15 7.25
CA PRO A 104 -3.32 15.24 7.59
C PRO A 104 -4.06 16.10 6.57
N TRP A 105 -4.16 15.56 5.34
CA TRP A 105 -4.75 16.30 4.24
C TRP A 105 -6.15 16.81 4.57
N ALA A 106 -6.91 16.04 5.33
CA ALA A 106 -8.30 16.40 5.61
C ALA A 106 -8.51 17.09 6.97
N GLU A 107 -7.45 17.40 7.72
CA GLU A 107 -7.63 18.07 9.01
C GLU A 107 -8.31 19.42 8.84
N LYS A 108 -9.34 19.67 9.66
CA LYS A 108 -10.09 20.93 9.58
C LYS A 108 -9.37 22.07 10.27
N LYS A 109 -8.94 21.83 11.51
CA LYS A 109 -8.27 22.86 12.31
C LYS A 109 -6.98 23.25 11.64
N GLN A 110 -6.97 24.41 10.97
CA GLN A 110 -5.82 24.73 10.15
CA GLN A 110 -5.83 24.81 10.15
C GLN A 110 -4.54 24.85 10.97
N ASP A 111 -4.62 25.30 12.21
CA ASP A 111 -3.39 25.40 13.00
C ASP A 111 -2.82 24.02 13.30
N VAL A 112 -3.69 23.05 13.58
CA VAL A 112 -3.22 21.69 13.80
C VAL A 112 -2.62 21.14 12.53
N LYS A 113 -3.24 21.43 11.39
CA LYS A 113 -2.74 20.93 10.10
C LYS A 113 -1.34 21.49 9.81
N GLU A 114 -1.18 22.81 9.93
CA GLU A 114 0.10 23.41 9.61
CA GLU A 114 0.10 23.44 9.64
C GLU A 114 1.21 22.86 10.52
N GLN A 115 0.96 22.75 11.83
CA GLN A 115 2.03 22.26 12.67
CA GLN A 115 1.95 22.21 12.75
C GLN A 115 2.42 20.83 12.31
N MET A 116 1.46 19.98 11.90
CA MET A 116 1.82 18.62 11.56
C MET A 116 2.55 18.56 10.23
N PHE A 117 2.13 19.36 9.25
CA PHE A 117 2.89 19.44 8.00
C PHE A 117 4.32 19.86 8.28
N ASN A 118 4.50 20.88 9.11
N ASN A 118 4.52 20.88 9.11
CA ASN A 118 5.85 21.35 9.42
CA ASN A 118 5.88 21.32 9.36
C ASN A 118 6.67 20.28 10.12
C ASN A 118 6.69 20.30 10.15
N GLU A 119 6.06 19.57 11.07
CA GLU A 119 6.79 18.54 11.80
C GLU A 119 7.27 17.45 10.86
N LEU A 120 6.35 16.97 10.00
CA LEU A 120 6.71 15.91 9.07
C LEU A 120 7.81 16.37 8.12
N LEU A 121 7.74 17.61 7.67
CA LEU A 121 8.72 18.07 6.69
C LEU A 121 10.07 18.33 7.35
N THR A 122 10.07 18.65 8.64
CA THR A 122 11.31 18.97 9.33
C THR A 122 12.03 17.74 9.87
N TYR A 123 11.29 16.83 10.48
CA TYR A 123 11.86 15.75 11.28
C TYR A 123 11.65 14.37 10.70
N ASN A 124 10.90 14.24 9.60
CA ASN A 124 10.69 12.93 9.00
C ASN A 124 11.06 12.91 7.52
N ALA A 125 10.73 13.96 6.77
CA ALA A 125 11.13 14.00 5.37
C ALA A 125 12.63 13.86 5.17
N PRO A 126 13.50 14.46 6.00
CA PRO A 126 14.94 14.28 5.76
C PRO A 126 15.40 12.83 5.84
N HIS A 127 14.83 12.06 6.75
CA HIS A 127 15.19 10.65 6.86
C HIS A 127 14.79 9.91 5.60
N LEU A 128 13.57 10.18 5.09
CA LEU A 128 13.14 9.50 3.87
C LEU A 128 14.03 9.88 2.72
N MET A 129 14.33 11.19 2.56
CA MET A 129 15.18 11.60 1.46
C MET A 129 16.56 10.95 1.57
N GLN A 130 17.12 10.89 2.78
CA GLN A 130 18.43 10.27 2.96
C GLN A 130 18.38 8.80 2.62
N ASP A 131 17.36 8.09 3.11
CA ASP A 131 17.26 6.65 2.84
C ASP A 131 17.10 6.41 1.35
N LEU A 132 16.27 7.21 0.67
CA LEU A 132 16.10 7.05 -0.76
C LEU A 132 17.39 7.32 -1.50
N ASP A 133 18.10 8.37 -1.10
CA ASP A 133 19.32 8.74 -1.79
C ASP A 133 20.40 7.66 -1.63
N THR A 134 20.52 7.09 -0.44
CA THR A 134 21.49 6.05 -0.23
C THR A 134 21.11 4.79 -0.99
N TYR A 135 19.81 4.50 -1.07
CA TYR A 135 19.35 3.36 -1.85
C TYR A 135 19.64 3.55 -3.34
N LEU A 136 19.39 4.75 -3.87
CA LEU A 136 19.69 5.01 -5.26
C LEU A 136 21.18 4.92 -5.55
N GLY A 137 21.98 5.44 -4.63
CA GLY A 137 23.41 5.48 -4.86
C GLY A 137 23.73 6.16 -6.17
N GLY A 138 24.64 5.56 -6.92
CA GLY A 138 25.03 6.04 -8.21
C GLY A 138 24.23 5.49 -9.38
N ARG A 139 23.16 4.78 -9.11
CA ARG A 139 22.40 4.14 -10.17
C ARG A 139 21.53 5.16 -10.90
N GLU A 140 21.12 4.79 -12.11
CA GLU A 140 20.36 5.71 -12.96
CA GLU A 140 20.36 5.73 -12.94
C GLU A 140 18.91 5.87 -12.50
N TRP A 141 18.30 4.77 -12.08
CA TRP A 141 16.90 4.71 -11.71
C TRP A 141 16.78 4.03 -10.35
N LEU A 142 15.62 4.16 -9.69
CA LEU A 142 15.50 3.57 -8.37
C LEU A 142 15.61 2.06 -8.40
N ILE A 143 15.04 1.42 -9.42
CA ILE A 143 15.07 -0.03 -9.57
C ILE A 143 15.55 -0.38 -10.97
N GLY A 144 16.58 -1.21 -11.06
CA GLY A 144 16.94 -1.81 -12.33
C GLY A 144 17.62 -0.85 -13.29
N ASN A 145 17.62 -1.21 -14.57
CA ASN A 145 18.37 -0.49 -15.60
CA ASN A 145 18.38 -0.46 -15.56
C ASN A 145 17.53 0.48 -16.40
N SER A 146 16.23 0.55 -16.16
CA SER A 146 15.37 1.42 -16.92
C SER A 146 14.30 2.00 -15.99
N VAL A 147 13.62 3.03 -16.47
CA VAL A 147 12.61 3.68 -15.67
C VAL A 147 11.49 2.71 -15.32
N THR A 148 10.96 2.86 -14.11
CA THR A 148 9.79 2.14 -13.68
C THR A 148 8.77 3.13 -13.14
N TRP A 149 7.57 2.65 -12.85
CA TRP A 149 6.60 3.54 -12.26
C TRP A 149 6.95 3.96 -10.85
N ALA A 150 7.92 3.31 -10.20
CA ALA A 150 8.42 3.85 -8.94
C ALA A 150 9.14 5.18 -9.14
N ASP A 151 9.88 5.32 -10.24
CA ASP A 151 10.50 6.60 -10.55
C ASP A 151 9.47 7.67 -10.80
N PHE A 152 8.41 7.31 -11.52
CA PHE A 152 7.31 8.25 -11.72
C PHE A 152 6.77 8.68 -10.36
N TYR A 153 6.53 7.69 -9.47
CA TYR A 153 5.92 8.01 -8.19
C TYR A 153 6.84 8.88 -7.34
N TRP A 154 8.14 8.62 -7.39
CA TRP A 154 9.10 9.51 -6.72
CA TRP A 154 9.07 9.50 -6.71
C TRP A 154 8.93 10.94 -7.21
N GLU A 155 8.87 11.13 -8.53
CA GLU A 155 8.78 12.49 -9.06
C GLU A 155 7.47 13.15 -8.66
N ILE A 156 6.38 12.39 -8.68
CA ILE A 156 5.07 12.92 -8.31
C ILE A 156 5.05 13.33 -6.84
N CYS A 157 5.48 12.44 -5.96
CA CYS A 157 5.43 12.75 -4.53
C CYS A 157 6.35 13.92 -4.21
N SER A 158 7.56 13.90 -4.73
CA SER A 158 8.50 14.98 -4.44
C SER A 158 8.04 16.30 -5.03
N THR A 159 7.37 16.30 -6.18
CA THR A 159 6.84 17.54 -6.70
C THR A 159 5.90 18.19 -5.71
N THR A 160 5.01 17.41 -5.10
CA THR A 160 4.11 17.97 -4.11
C THR A 160 4.85 18.41 -2.85
N LEU A 161 5.79 17.61 -2.34
CA LEU A 161 6.53 18.03 -1.15
C LEU A 161 7.25 19.35 -1.40
N LEU A 162 7.81 19.53 -2.58
CA LEU A 162 8.52 20.75 -2.94
C LEU A 162 7.62 21.97 -3.03
N VAL A 163 6.31 21.80 -3.24
CA VAL A 163 5.40 22.94 -3.13
C VAL A 163 5.50 23.53 -1.74
N PHE A 164 5.50 22.68 -0.71
CA PHE A 164 5.52 23.15 0.67
C PHE A 164 6.92 23.55 1.09
N LYS A 165 7.94 22.85 0.62
CA LYS A 165 9.31 23.06 1.06
C LYS A 165 10.24 23.04 -0.14
N PRO A 166 10.35 24.17 -0.85
CA PRO A 166 11.15 24.19 -2.08
C PRO A 166 12.59 23.74 -1.90
N ASP A 167 13.17 23.91 -0.71
CA ASP A 167 14.58 23.56 -0.54
CA ASP A 167 14.57 23.59 -0.40
C ASP A 167 14.79 22.13 -0.05
N LEU A 168 13.74 21.30 -0.08
CA LEU A 168 13.81 19.98 0.50
C LEU A 168 14.96 19.12 -0.04
N LEU A 169 15.27 19.26 -1.33
CA LEU A 169 16.27 18.41 -1.98
C LEU A 169 17.58 19.13 -2.24
N ASP A 170 17.79 20.29 -1.62
CA ASP A 170 19.00 21.07 -1.90
C ASP A 170 20.26 20.30 -1.58
N ASN A 171 20.21 19.36 -0.66
CA ASN A 171 21.39 18.58 -0.34
C ASN A 171 21.40 17.20 -0.98
N HIS A 172 20.50 16.90 -1.90
CA HIS A 172 20.42 15.58 -2.53
C HIS A 172 20.44 15.75 -4.04
N PRO A 173 21.57 16.17 -4.59
CA PRO A 173 21.65 16.33 -6.05
C PRO A 173 21.28 15.09 -6.82
N ARG A 174 21.57 13.90 -6.32
CA ARG A 174 21.25 12.71 -7.08
C ARG A 174 19.76 12.53 -7.22
N LEU A 175 18.99 12.94 -6.23
CA LEU A 175 17.54 12.84 -6.29
C LEU A 175 16.95 13.91 -7.19
N VAL A 176 17.59 15.08 -7.26
CA VAL A 176 17.19 16.10 -8.20
C VAL A 176 17.43 15.62 -9.63
N THR A 177 18.60 15.03 -9.88
CA THR A 177 18.90 14.47 -11.19
C THR A 177 17.83 13.48 -11.60
N LEU A 178 17.41 12.61 -10.68
CA LEU A 178 16.40 11.62 -11.01
C LEU A 178 15.07 12.28 -11.35
N ARG A 179 14.65 13.27 -10.57
CA ARG A 179 13.44 14.01 -10.93
C ARG A 179 13.51 14.55 -12.34
N LYS A 180 14.62 15.22 -12.67
CA LYS A 180 14.75 15.85 -13.97
C LYS A 180 14.72 14.81 -15.08
N LYS A 181 15.30 13.63 -14.86
CA LYS A 181 15.24 12.58 -15.84
C LYS A 181 13.81 12.13 -16.08
N VAL A 182 13.05 11.92 -15.02
CA VAL A 182 11.64 11.54 -15.19
C VAL A 182 10.90 12.61 -15.97
N GLN A 183 11.12 13.88 -15.61
CA GLN A 183 10.41 14.97 -16.22
C GLN A 183 10.74 15.14 -17.68
N ALA A 184 11.89 14.64 -18.13
CA ALA A 184 12.30 14.77 -19.52
C ALA A 184 11.86 13.58 -20.38
N ILE A 185 11.39 12.49 -19.78
CA ILE A 185 10.87 11.37 -20.56
C ILE A 185 9.79 11.94 -21.49
N PRO A 186 9.78 11.61 -22.79
CA PRO A 186 8.91 12.36 -23.71
C PRO A 186 7.45 12.37 -23.27
N ALA A 187 6.90 11.21 -22.91
CA ALA A 187 5.50 11.15 -22.54
C ALA A 187 5.22 12.03 -21.33
N VAL A 188 6.15 12.04 -20.36
CA VAL A 188 5.96 12.77 -19.12
C VAL A 188 6.11 14.25 -19.35
N ALA A 189 7.12 14.64 -20.12
CA ALA A 189 7.33 16.05 -20.45
C ALA A 189 6.10 16.60 -21.14
N ASN A 190 5.55 15.84 -22.07
CA ASN A 190 4.40 16.37 -22.82
C ASN A 190 3.15 16.41 -21.94
N TRP A 191 2.98 15.44 -21.03
CA TRP A 191 1.89 15.50 -20.08
C TRP A 191 2.02 16.70 -19.16
N ILE A 192 3.22 16.93 -18.63
CA ILE A 192 3.44 18.07 -17.77
C ILE A 192 3.10 19.38 -18.49
N LYS A 193 3.39 19.47 -19.80
CA LYS A 193 3.11 20.69 -20.56
C LYS A 193 1.62 20.91 -20.69
N ARG A 194 0.84 19.85 -20.90
CA ARG A 194 -0.57 20.00 -21.26
C ARG A 194 -1.54 19.83 -20.08
N ARG A 195 -1.11 19.27 -18.94
CA ARG A 195 -2.05 18.95 -17.89
C ARG A 195 -2.61 20.21 -17.24
N PRO A 196 -3.78 20.12 -16.59
CA PRO A 196 -4.27 21.26 -15.84
C PRO A 196 -3.30 21.66 -14.75
N GLN A 197 -3.13 22.97 -14.59
CA GLN A 197 -2.23 23.52 -13.57
C GLN A 197 -3.01 23.67 -12.27
N THR A 198 -2.62 22.91 -11.26
CA THR A 198 -3.20 22.99 -9.93
C THR A 198 -2.06 23.03 -8.92
N LYS A 199 -2.33 23.59 -7.75
CA LYS A 199 -1.28 23.64 -6.74
C LYS A 199 -0.81 22.25 -6.36
N LEU A 200 -1.76 21.38 -6.04
CA LEU A 200 -1.50 20.05 -5.52
C LEU A 200 -2.02 18.95 -6.47
N GLY B 1 18.55 -25.37 -4.61
CA GLY B 1 17.35 -25.64 -3.78
C GLY B 1 16.57 -24.38 -3.50
N MET B 2 15.59 -24.49 -2.60
CA MET B 2 14.77 -23.36 -2.21
C MET B 2 15.62 -22.28 -1.56
N PRO B 3 15.14 -21.04 -1.55
CA PRO B 3 15.85 -19.98 -0.84
C PRO B 3 15.81 -20.17 0.65
N ASN B 4 16.81 -19.58 1.31
CA ASN B 4 16.73 -19.34 2.75
CA ASN B 4 16.71 -19.36 2.74
C ASN B 4 15.88 -18.11 2.96
N TYR B 5 14.79 -18.26 3.70
CA TYR B 5 13.90 -17.16 4.02
C TYR B 5 14.01 -16.85 5.50
N LYS B 6 14.20 -15.58 5.85
CA LYS B 6 14.23 -15.15 7.23
C LYS B 6 13.36 -13.91 7.35
N LEU B 7 12.28 -14.04 8.08
CA LEU B 7 11.37 -12.94 8.34
C LEU B 7 11.75 -12.28 9.67
N THR B 8 11.93 -10.97 9.67
CA THR B 8 12.19 -10.23 10.90
C THR B 8 11.06 -9.25 11.20
N TYR B 9 10.51 -9.36 12.40
CA TYR B 9 9.48 -8.46 12.89
C TYR B 9 9.52 -8.52 14.41
N PHE B 10 8.66 -7.74 15.05
CA PHE B 10 8.45 -7.88 16.49
C PHE B 10 7.72 -9.19 16.82
N ASN B 11 7.67 -9.51 18.13
CA ASN B 11 6.90 -10.65 18.61
C ASN B 11 5.44 -10.26 18.72
N MET B 12 4.83 -10.12 17.56
CA MET B 12 3.43 -9.73 17.39
CA MET B 12 3.40 -9.91 17.45
C MET B 12 2.98 -10.31 16.05
N ARG B 13 1.66 -10.49 15.89
CA ARG B 13 1.13 -10.75 14.56
C ARG B 13 1.39 -9.55 13.67
N GLY B 14 0.81 -8.41 14.05
CA GLY B 14 1.03 -7.16 13.37
C GLY B 14 1.06 -7.29 11.86
N ARG B 15 1.98 -6.54 11.26
CA ARG B 15 2.11 -6.41 9.83
C ARG B 15 2.83 -7.59 9.20
N ALA B 16 3.45 -8.45 10.00
CA ALA B 16 4.14 -9.61 9.47
C ALA B 16 3.24 -10.82 9.27
N GLU B 17 2.09 -10.86 9.93
CA GLU B 17 1.28 -12.07 9.95
C GLU B 17 0.85 -12.49 8.56
N ILE B 18 0.59 -11.55 7.67
CA ILE B 18 0.22 -11.95 6.31
C ILE B 18 1.29 -12.82 5.66
N ILE B 19 2.56 -12.47 5.85
CA ILE B 19 3.65 -13.27 5.30
C ILE B 19 3.69 -14.63 5.98
N ARG B 20 3.50 -14.66 7.31
CA ARG B 20 3.49 -15.94 8.04
C ARG B 20 2.39 -16.87 7.51
N TYR B 21 1.22 -16.33 7.18
CA TYR B 21 0.14 -17.16 6.64
C TYR B 21 0.51 -17.70 5.27
N ILE B 22 1.14 -16.87 4.44
CA ILE B 22 1.51 -17.28 3.09
C ILE B 22 2.52 -18.41 3.16
N PHE B 23 3.56 -18.26 3.96
CA PHE B 23 4.53 -19.36 4.10
C PHE B 23 3.86 -20.64 4.59
N ALA B 24 2.95 -20.54 5.55
CA ALA B 24 2.26 -21.72 6.03
C ALA B 24 1.46 -22.38 4.92
N TYR B 25 0.68 -21.59 4.18
CA TYR B 25 -0.17 -22.14 3.14
C TYR B 25 0.64 -22.83 2.05
N LEU B 26 1.75 -22.23 1.67
CA LEU B 26 2.61 -22.74 0.61
C LEU B 26 3.55 -23.83 1.10
N ASP B 27 3.53 -24.11 2.41
CA ASP B 27 4.41 -25.08 3.04
C ASP B 27 5.87 -24.77 2.72
N ILE B 28 6.24 -23.52 2.92
CA ILE B 28 7.61 -23.04 2.72
C ILE B 28 8.27 -22.83 4.08
N GLN B 29 9.44 -23.41 4.24
CA GLN B 29 10.21 -23.29 5.47
CA GLN B 29 10.18 -23.27 5.48
C GLN B 29 10.82 -21.90 5.56
N TYR B 30 10.74 -21.29 6.76
CA TYR B 30 11.36 -19.99 6.98
C TYR B 30 11.73 -19.84 8.46
N GLU B 31 12.66 -18.93 8.72
CA GLU B 31 13.01 -18.52 10.08
C GLU B 31 12.11 -17.35 10.48
N ASP B 32 11.32 -17.54 11.54
CA ASP B 32 10.40 -16.51 12.03
C ASP B 32 11.11 -15.76 13.16
N HIS B 33 11.93 -14.79 12.78
CA HIS B 33 12.79 -14.05 13.71
C HIS B 33 12.00 -12.92 14.33
N ARG B 34 11.86 -12.96 15.64
CA ARG B 34 11.06 -12.00 16.40
C ARG B 34 12.00 -11.25 17.32
N ILE B 35 12.01 -9.95 17.22
CA ILE B 35 12.86 -9.09 18.04
C ILE B 35 12.06 -8.42 19.15
N GLU B 36 12.75 -8.09 20.24
CA GLU B 36 12.20 -7.21 21.27
C GLU B 36 12.24 -5.78 20.75
N GLN B 37 11.33 -4.94 21.26
CA GLN B 37 11.31 -3.54 20.84
C GLN B 37 12.64 -2.85 21.11
N ALA B 38 13.31 -3.19 22.23
CA ALA B 38 14.58 -2.55 22.55
C ALA B 38 15.63 -2.75 21.47
N ASP B 39 15.51 -3.83 20.70
CA ASP B 39 16.53 -4.14 19.70
C ASP B 39 16.21 -3.60 18.33
N TRP B 40 15.14 -2.81 18.23
CA TRP B 40 14.81 -2.22 16.94
C TRP B 40 15.87 -1.25 16.44
N PRO B 41 16.37 -0.29 17.23
CA PRO B 41 17.35 0.64 16.66
C PRO B 41 18.54 -0.07 16.03
N GLU B 42 19.05 -1.12 16.69
CA GLU B 42 20.17 -1.85 16.12
C GLU B 42 19.80 -2.49 14.79
N ILE B 43 18.66 -3.18 14.72
CA ILE B 43 18.24 -3.82 13.47
C ILE B 43 18.06 -2.76 12.40
N LYS B 44 17.36 -1.67 12.75
CA LYS B 44 17.07 -0.61 11.78
C LYS B 44 18.34 -0.10 11.13
N SER B 45 19.43 -0.04 11.91
CA SER B 45 20.67 0.51 11.41
C SER B 45 21.27 -0.32 10.29
N THR B 46 20.84 -1.56 10.15
CA THR B 46 21.36 -2.46 9.13
C THR B 46 20.50 -2.48 7.88
N LEU B 47 19.38 -1.76 7.86
CA LEU B 47 18.41 -1.89 6.77
C LEU B 47 18.48 -0.71 5.84
N PRO B 48 18.08 -0.88 4.58
CA PRO B 48 18.01 0.28 3.68
C PRO B 48 16.98 1.31 4.10
N PHE B 49 15.82 0.88 4.56
CA PHE B 49 14.77 1.80 4.97
C PHE B 49 14.52 1.66 6.48
N GLY B 50 13.41 2.23 6.92
CA GLY B 50 13.27 2.44 8.37
C GLY B 50 12.12 1.71 9.01
N LYS B 51 11.75 0.53 8.49
CA LYS B 51 10.62 -0.20 9.04
C LYS B 51 10.83 -1.70 8.99
N ILE B 52 10.03 -2.40 9.80
CA ILE B 52 9.86 -3.85 9.68
C ILE B 52 8.37 -4.12 9.49
N PRO B 53 7.99 -5.24 8.87
CA PRO B 53 8.81 -6.39 8.58
C PRO B 53 9.76 -6.23 7.41
N ILE B 54 10.82 -7.03 7.48
N ILE B 54 10.79 -7.05 7.44
CA ILE B 54 11.72 -7.32 6.37
CA ILE B 54 11.65 -7.29 6.29
C ILE B 54 11.70 -8.82 6.14
C ILE B 54 11.81 -8.79 6.16
N LEU B 55 12.11 -9.22 4.94
CA LEU B 55 12.28 -10.63 4.59
C LEU B 55 13.60 -10.78 3.86
N GLU B 56 14.51 -11.54 4.44
N GLU B 56 14.52 -11.55 4.46
CA GLU B 56 15.72 -11.90 3.74
CA GLU B 56 15.73 -11.98 3.78
C GLU B 56 15.43 -13.13 2.90
C GLU B 56 15.37 -13.13 2.87
N VAL B 57 15.78 -13.03 1.61
CA VAL B 57 15.62 -14.09 0.63
C VAL B 57 17.03 -14.35 0.14
N ASP B 58 17.65 -15.43 0.62
CA ASP B 58 19.08 -15.63 0.43
C ASP B 58 19.76 -14.31 0.82
N GLY B 59 20.62 -13.75 -0.02
CA GLY B 59 21.35 -12.57 0.40
C GLY B 59 20.66 -11.24 0.23
N LEU B 60 19.36 -11.22 -0.08
CA LEU B 60 18.67 -9.99 -0.41
CA LEU B 60 18.66 -9.98 -0.41
C LEU B 60 17.66 -9.64 0.68
N THR B 61 17.64 -8.38 1.12
CA THR B 61 16.72 -7.93 2.17
C THR B 61 15.57 -7.17 1.53
N LEU B 62 14.39 -7.77 1.56
CA LEU B 62 13.17 -7.17 1.05
C LEU B 62 12.44 -6.46 2.18
N HIS B 63 11.64 -5.47 1.82
CA HIS B 63 10.86 -4.72 2.79
C HIS B 63 9.48 -4.47 2.22
N GLN B 64 8.60 -3.94 3.08
CA GLN B 64 7.21 -3.62 2.80
C GLN B 64 6.35 -4.88 2.80
N SER B 65 5.51 -5.01 3.83
CA SER B 65 4.83 -6.27 4.07
C SER B 65 4.03 -6.72 2.85
N LEU B 66 3.32 -5.80 2.19
CA LEU B 66 2.46 -6.19 1.08
C LEU B 66 3.24 -6.39 -0.22
N ALA B 67 4.32 -5.65 -0.41
CA ALA B 67 5.22 -5.93 -1.53
C ALA B 67 5.74 -7.35 -1.42
N ILE B 68 6.13 -7.74 -0.21
CA ILE B 68 6.63 -9.09 0.03
C ILE B 68 5.54 -10.12 -0.19
N ALA B 69 4.36 -9.89 0.38
CA ALA B 69 3.26 -10.83 0.22
C ALA B 69 2.91 -11.04 -1.24
N ARG B 70 2.87 -9.96 -2.01
CA ARG B 70 2.56 -10.05 -3.42
C ARG B 70 3.62 -10.85 -4.16
N TYR B 71 4.89 -10.63 -3.83
CA TYR B 71 5.98 -11.37 -4.46
C TYR B 71 5.89 -12.85 -4.16
N LEU B 72 5.63 -13.20 -2.91
CA LEU B 72 5.58 -14.61 -2.51
C LEU B 72 4.41 -15.34 -3.12
N THR B 73 3.32 -14.63 -3.42
CA THR B 73 2.12 -15.28 -3.93
C THR B 73 2.03 -15.26 -5.44
N LYS B 74 2.89 -14.53 -6.15
CA LYS B 74 2.84 -14.55 -7.60
CA LYS B 74 2.87 -14.55 -7.61
C LYS B 74 3.03 -15.98 -8.10
N ASN B 75 2.25 -16.36 -9.09
CA ASN B 75 2.36 -17.70 -9.65
C ASN B 75 2.03 -18.80 -8.64
N THR B 76 1.22 -18.49 -7.63
CA THR B 76 0.66 -19.48 -6.74
C THR B 76 -0.84 -19.36 -6.75
N ASP B 77 -1.49 -20.31 -6.08
CA ASP B 77 -2.94 -20.31 -5.98
C ASP B 77 -3.47 -19.12 -5.21
N LEU B 78 -2.64 -18.46 -4.40
CA LEU B 78 -3.10 -17.35 -3.57
C LEU B 78 -3.14 -16.03 -4.33
N ALA B 79 -2.55 -15.96 -5.50
CA ALA B 79 -2.69 -14.78 -6.34
C ALA B 79 -4.11 -14.74 -6.92
N GLY B 80 -4.55 -13.56 -7.33
CA GLY B 80 -5.73 -13.52 -8.15
C GLY B 80 -5.54 -14.40 -9.37
N ASN B 81 -6.63 -15.00 -9.85
CA ASN B 81 -6.53 -15.98 -10.92
C ASN B 81 -6.32 -15.34 -12.27
N THR B 82 -6.52 -14.03 -12.37
CA THR B 82 -6.42 -13.25 -13.58
C THR B 82 -5.85 -11.87 -13.24
N GLU B 83 -5.47 -11.15 -14.27
N GLU B 83 -5.50 -11.13 -14.28
CA GLU B 83 -4.92 -9.81 -14.06
CA GLU B 83 -4.90 -9.82 -14.07
C GLU B 83 -5.89 -8.90 -13.33
C GLU B 83 -5.87 -8.85 -13.38
N MET B 84 -7.16 -8.91 -13.73
CA MET B 84 -8.12 -8.06 -13.02
C MET B 84 -8.29 -8.51 -11.57
N GLU B 85 -8.35 -9.81 -11.33
CA GLU B 85 -8.46 -10.28 -9.95
C GLU B 85 -7.30 -9.79 -9.13
N GLN B 86 -6.10 -9.75 -9.71
N GLN B 86 -6.10 -9.76 -9.70
CA GLN B 86 -4.94 -9.28 -8.99
CA GLN B 86 -4.95 -9.25 -8.96
C GLN B 86 -5.07 -7.80 -8.63
C GLN B 86 -5.16 -7.80 -8.57
N CYS B 87 -5.73 -7.01 -9.47
CA CYS B 87 -6.02 -5.62 -9.14
C CYS B 87 -6.99 -5.56 -7.96
N HIS B 88 -8.04 -6.37 -7.99
CA HIS B 88 -9.01 -6.34 -6.89
C HIS B 88 -8.38 -6.81 -5.57
N VAL B 89 -7.53 -7.84 -5.62
CA VAL B 89 -6.81 -8.28 -4.43
C VAL B 89 -6.03 -7.11 -3.86
N ASP B 90 -5.22 -6.47 -4.72
CA ASP B 90 -4.40 -5.36 -4.29
C ASP B 90 -5.24 -4.24 -3.70
N ALA B 91 -6.40 -3.95 -4.30
CA ALA B 91 -7.21 -2.84 -3.84
C ALA B 91 -7.83 -3.13 -2.49
N ILE B 92 -8.36 -4.34 -2.28
CA ILE B 92 -8.95 -4.69 -0.99
C ILE B 92 -7.89 -4.64 0.10
N VAL B 93 -6.72 -5.19 -0.18
CA VAL B 93 -5.65 -5.20 0.81
C VAL B 93 -5.23 -3.76 1.17
N ASP B 94 -5.06 -2.89 0.16
CA ASP B 94 -4.71 -1.51 0.47
C ASP B 94 -5.81 -0.80 1.26
N THR B 95 -7.08 -1.10 0.98
CA THR B 95 -8.14 -0.51 1.78
C THR B 95 -8.08 -0.96 3.23
N LEU B 96 -7.82 -2.25 3.47
CA LEU B 96 -7.66 -2.72 4.83
C LEU B 96 -6.42 -2.13 5.49
N ASP B 97 -5.31 -2.10 4.79
CA ASP B 97 -4.07 -1.57 5.36
C ASP B 97 -4.22 -0.09 5.65
N ASP B 98 -4.88 0.64 4.75
CA ASP B 98 -5.10 2.07 5.00
C ASP B 98 -5.81 2.28 6.33
N PHE B 99 -6.84 1.49 6.59
CA PHE B 99 -7.59 1.65 7.82
C PHE B 99 -6.76 1.24 9.03
N MET B 100 -6.12 0.08 8.97
CA MET B 100 -5.32 -0.36 10.12
C MET B 100 -4.20 0.62 10.40
N SER B 101 -3.67 1.26 9.37
CA SER B 101 -2.55 2.15 9.53
C SER B 101 -2.96 3.53 10.05
N CYS B 102 -4.27 3.83 10.11
CA CYS B 102 -4.77 5.03 10.74
C CYS B 102 -4.65 4.96 12.25
N PHE B 103 -4.62 3.78 12.83
CA PHE B 103 -4.49 3.67 14.28
C PHE B 103 -3.12 4.16 14.72
N PRO B 104 -3.04 4.95 15.78
CA PRO B 104 -1.76 5.51 16.23
C PRO B 104 -0.98 4.50 17.08
N TRP B 105 -0.50 3.45 16.42
CA TRP B 105 0.19 2.38 17.12
C TRP B 105 1.41 2.87 17.88
N ALA B 106 2.07 3.92 17.40
CA ALA B 106 3.32 4.40 17.98
C ALA B 106 3.14 5.62 18.88
N GLU B 107 1.90 6.08 19.09
CA GLU B 107 1.65 7.20 19.97
C GLU B 107 2.12 6.88 21.38
N LYS B 108 3.00 7.72 21.93
CA LYS B 108 3.56 7.44 23.24
C LYS B 108 2.68 7.95 24.37
N LYS B 109 1.86 8.98 24.13
CA LYS B 109 0.90 9.47 25.11
C LYS B 109 -0.28 8.53 25.12
N GLN B 110 -0.48 7.80 26.22
CA GLN B 110 -1.48 6.74 26.21
C GLN B 110 -2.91 7.28 26.16
N ASP B 111 -3.16 8.47 26.75
CA ASP B 111 -4.52 8.99 26.71
C ASP B 111 -4.92 9.40 25.30
N VAL B 112 -4.02 10.07 24.58
CA VAL B 112 -4.29 10.41 23.18
C VAL B 112 -4.53 9.14 22.37
N LYS B 113 -3.68 8.14 22.58
CA LYS B 113 -3.78 6.89 21.83
C LYS B 113 -5.14 6.24 22.03
N GLU B 114 -5.58 6.10 23.29
CA GLU B 114 -6.84 5.42 23.55
CA GLU B 114 -6.85 5.43 23.56
C GLU B 114 -8.01 6.19 22.95
N GLN B 115 -8.01 7.52 23.04
CA GLN B 115 -9.10 8.30 22.49
C GLN B 115 -9.22 8.08 20.99
N MET B 116 -8.09 8.05 20.29
CA MET B 116 -8.14 7.88 18.84
C MET B 116 -8.56 6.46 18.46
N PHE B 117 -8.08 5.44 19.19
CA PHE B 117 -8.53 4.08 18.90
C PHE B 117 -10.05 4.01 19.03
N ASN B 118 -10.59 4.60 20.10
CA ASN B 118 -12.02 4.50 20.33
C ASN B 118 -12.81 5.20 19.24
N GLU B 119 -12.33 6.37 18.80
CA GLU B 119 -13.03 7.09 17.75
C GLU B 119 -13.05 6.28 16.46
N LEU B 120 -11.88 5.74 16.08
CA LEU B 120 -11.80 4.97 14.85
C LEU B 120 -12.71 3.76 14.88
N LEU B 121 -12.74 3.08 16.02
CA LEU B 121 -13.53 1.86 16.13
C LEU B 121 -15.01 2.15 16.21
N THR B 122 -15.40 3.24 16.86
CA THR B 122 -16.81 3.51 17.05
C THR B 122 -17.44 4.14 15.81
N TYR B 123 -16.74 5.07 15.16
CA TYR B 123 -17.34 5.87 14.10
C TYR B 123 -16.85 5.58 12.69
N ASN B 124 -15.69 4.96 12.51
CA ASN B 124 -15.18 4.71 11.17
C ASN B 124 -15.22 3.24 10.80
N ALA B 125 -14.85 2.37 11.73
CA ALA B 125 -14.83 0.95 11.44
C ALA B 125 -16.16 0.42 10.94
N PRO B 126 -17.30 0.80 11.50
CA PRO B 126 -18.55 0.24 10.98
C PRO B 126 -18.78 0.51 9.51
N HIS B 127 -18.34 1.68 9.01
CA HIS B 127 -18.52 2.00 7.59
C HIS B 127 -17.66 1.11 6.72
N LEU B 128 -16.44 0.81 7.16
CA LEU B 128 -15.63 -0.14 6.40
C LEU B 128 -16.26 -1.53 6.42
N MET B 129 -16.79 -1.95 7.57
CA MET B 129 -17.40 -3.26 7.64
C MET B 129 -18.58 -3.34 6.69
N GLN B 130 -19.40 -2.30 6.64
CA GLN B 130 -20.53 -2.31 5.72
CA GLN B 130 -20.53 -2.26 5.73
C GLN B 130 -20.05 -2.32 4.27
N ASP B 131 -19.02 -1.54 3.93
CA ASP B 131 -18.52 -1.55 2.56
C ASP B 131 -17.99 -2.95 2.20
N LEU B 132 -17.28 -3.60 3.12
CA LEU B 132 -16.73 -4.92 2.84
CA LEU B 132 -16.73 -4.90 2.78
C LEU B 132 -17.83 -5.94 2.67
N ASP B 133 -18.86 -5.89 3.52
N ASP B 133 -18.84 -5.86 3.54
CA ASP B 133 -19.97 -6.83 3.42
CA ASP B 133 -19.98 -6.76 3.49
C ASP B 133 -20.69 -6.65 2.10
C ASP B 133 -20.69 -6.64 2.14
N THR B 134 -20.95 -5.41 1.70
CA THR B 134 -21.56 -5.20 0.40
C THR B 134 -20.67 -5.71 -0.73
N TYR B 135 -19.37 -5.49 -0.61
CA TYR B 135 -18.45 -5.94 -1.64
C TYR B 135 -18.45 -7.44 -1.78
N LEU B 136 -18.44 -8.17 -0.67
CA LEU B 136 -18.46 -9.63 -0.67
C LEU B 136 -19.78 -10.18 -1.19
N GLY B 137 -20.89 -9.54 -0.83
CA GLY B 137 -22.19 -10.08 -1.17
C GLY B 137 -22.34 -11.50 -0.69
N GLY B 138 -22.96 -12.32 -1.51
CA GLY B 138 -23.15 -13.72 -1.22
C GLY B 138 -22.04 -14.61 -1.72
N ARG B 139 -20.89 -14.06 -2.09
CA ARG B 139 -19.83 -14.87 -2.67
C ARG B 139 -19.02 -15.56 -1.58
N GLU B 140 -18.31 -16.61 -1.98
CA GLU B 140 -17.57 -17.42 -1.02
C GLU B 140 -16.31 -16.69 -0.54
N TRP B 141 -15.58 -16.09 -1.47
CA TRP B 141 -14.33 -15.41 -1.18
C TRP B 141 -14.41 -13.98 -1.69
N LEU B 142 -13.48 -13.13 -1.22
CA LEU B 142 -13.58 -11.72 -1.62
C LEU B 142 -13.35 -11.50 -3.12
N ILE B 143 -12.42 -12.22 -3.71
CA ILE B 143 -12.06 -12.03 -5.11
C ILE B 143 -12.11 -13.36 -5.86
N GLY B 144 -12.77 -13.37 -7.00
CA GLY B 144 -12.79 -14.55 -7.86
C GLY B 144 -13.49 -15.72 -7.23
N ASN B 145 -13.12 -16.91 -7.69
CA ASN B 145 -13.81 -18.12 -7.30
CA ASN B 145 -13.79 -18.14 -7.32
C ASN B 145 -13.04 -18.95 -6.29
N SER B 146 -11.90 -18.49 -5.82
CA SER B 146 -11.09 -19.27 -4.89
C SER B 146 -10.36 -18.33 -3.94
N VAL B 147 -9.79 -18.91 -2.89
CA VAL B 147 -9.14 -18.11 -1.88
C VAL B 147 -7.98 -17.33 -2.47
N THR B 148 -7.78 -16.12 -1.97
CA THR B 148 -6.61 -15.31 -2.29
C THR B 148 -6.02 -14.80 -0.98
N TRP B 149 -4.83 -14.19 -1.08
CA TRP B 149 -4.25 -13.59 0.11
C TRP B 149 -5.02 -12.40 0.61
N ALA B 150 -5.96 -11.85 -0.18
CA ALA B 150 -6.86 -10.83 0.37
C ALA B 150 -7.76 -11.40 1.45
N ASP B 151 -8.22 -12.65 1.27
CA ASP B 151 -9.04 -13.29 2.31
C ASP B 151 -8.23 -13.47 3.59
N PHE B 152 -6.98 -13.88 3.46
CA PHE B 152 -6.10 -13.96 4.62
C PHE B 152 -6.01 -12.61 5.31
N TYR B 153 -5.79 -11.55 4.52
CA TYR B 153 -5.60 -10.22 5.10
C TYR B 153 -6.86 -9.75 5.82
N TRP B 154 -8.04 -10.04 5.28
CA TRP B 154 -9.27 -9.76 6.00
C TRP B 154 -9.27 -10.45 7.36
N GLU B 155 -8.97 -11.74 7.38
CA GLU B 155 -9.02 -12.47 8.65
C GLU B 155 -8.02 -11.91 9.65
N ILE B 156 -6.84 -11.55 9.19
CA ILE B 156 -5.79 -11.01 10.04
C ILE B 156 -6.19 -9.64 10.61
N CYS B 157 -6.62 -8.73 9.75
CA CYS B 157 -6.98 -7.39 10.23
C CYS B 157 -8.14 -7.47 11.19
N SER B 158 -9.16 -8.25 10.83
CA SER B 158 -10.35 -8.34 11.68
C SER B 158 -10.05 -9.00 13.00
N THR B 159 -9.13 -9.94 13.04
CA THR B 159 -8.76 -10.52 14.32
C THR B 159 -8.27 -9.46 15.31
N THR B 160 -7.41 -8.56 14.84
CA THR B 160 -6.93 -7.50 15.71
C THR B 160 -8.04 -6.51 16.05
N LEU B 161 -8.86 -6.10 15.07
CA LEU B 161 -9.95 -5.18 15.37
C LEU B 161 -10.89 -5.75 16.42
N LEU B 162 -11.17 -7.05 16.35
CA LEU B 162 -12.09 -7.71 17.28
C LEU B 162 -11.54 -7.73 18.71
N VAL B 163 -10.21 -7.71 18.89
CA VAL B 163 -9.64 -7.57 20.22
C VAL B 163 -10.17 -6.33 20.89
N PHE B 164 -10.26 -5.24 20.14
CA PHE B 164 -10.64 -3.95 20.71
C PHE B 164 -12.13 -3.73 20.66
N LYS B 165 -12.83 -4.30 19.71
CA LYS B 165 -14.27 -4.10 19.55
C LYS B 165 -14.90 -5.45 19.23
N PRO B 166 -15.29 -6.22 20.25
CA PRO B 166 -15.73 -7.61 20.00
C PRO B 166 -17.01 -7.75 19.20
N ASP B 167 -17.84 -6.70 19.14
CA ASP B 167 -19.10 -6.76 18.41
C ASP B 167 -19.02 -6.17 17.01
N LEU B 168 -17.80 -5.97 16.49
CA LEU B 168 -17.60 -5.32 15.20
C LEU B 168 -18.42 -5.97 14.10
N LEU B 169 -18.57 -7.29 14.15
CA LEU B 169 -19.21 -8.04 13.08
C LEU B 169 -20.57 -8.59 13.46
N ASP B 170 -21.17 -8.10 14.55
CA ASP B 170 -22.44 -8.65 14.97
C ASP B 170 -23.50 -8.47 13.90
N ASN B 171 -23.38 -7.45 13.08
CA ASN B 171 -24.34 -7.18 12.01
C ASN B 171 -23.86 -7.68 10.65
N HIS B 172 -22.78 -8.43 10.60
CA HIS B 172 -22.14 -8.86 9.36
C HIS B 172 -21.80 -10.33 9.38
N PRO B 173 -22.80 -11.19 9.53
CA PRO B 173 -22.52 -12.64 9.58
C PRO B 173 -21.76 -13.16 8.37
N ARG B 174 -21.92 -12.55 7.19
CA ARG B 174 -21.18 -13.08 6.05
C ARG B 174 -19.69 -12.82 6.19
N LEU B 175 -19.29 -11.73 6.87
CA LEU B 175 -17.87 -11.48 7.09
C LEU B 175 -17.32 -12.41 8.16
N VAL B 176 -18.16 -12.83 9.10
CA VAL B 176 -17.78 -13.85 10.08
C VAL B 176 -17.56 -15.18 9.39
N THR B 177 -18.48 -15.57 8.51
CA THR B 177 -18.31 -16.81 7.78
C THR B 177 -16.99 -16.83 7.03
N LEU B 178 -16.64 -15.72 6.38
CA LEU B 178 -15.37 -15.67 5.65
C LEU B 178 -14.17 -15.86 6.58
N ARG B 179 -14.19 -15.20 7.74
CA ARG B 179 -13.13 -15.43 8.73
C ARG B 179 -13.02 -16.90 9.07
N LYS B 180 -14.15 -17.53 9.36
CA LYS B 180 -14.11 -18.92 9.78
C LYS B 180 -13.60 -19.82 8.67
N LYS B 181 -13.96 -19.52 7.43
CA LYS B 181 -13.44 -20.29 6.30
C LYS B 181 -11.93 -20.18 6.20
N VAL B 182 -11.39 -18.98 6.33
CA VAL B 182 -9.94 -18.82 6.32
C VAL B 182 -9.31 -19.60 7.47
N GLN B 183 -9.90 -19.50 8.66
CA GLN B 183 -9.38 -20.17 9.84
C GLN B 183 -9.44 -21.68 9.73
N ALA B 184 -10.30 -22.20 8.87
CA ALA B 184 -10.46 -23.64 8.70
C ALA B 184 -9.58 -24.19 7.59
N ILE B 185 -8.93 -23.33 6.82
CA ILE B 185 -7.94 -23.82 5.86
C ILE B 185 -6.87 -24.58 6.64
N PRO B 186 -6.55 -25.84 6.30
CA PRO B 186 -5.71 -26.62 7.21
C PRO B 186 -4.40 -25.96 7.57
N ALA B 187 -3.67 -25.42 6.60
CA ALA B 187 -2.38 -24.86 6.90
C ALA B 187 -2.51 -23.63 7.77
N VAL B 188 -3.59 -22.87 7.61
CA VAL B 188 -3.83 -21.72 8.48
C VAL B 188 -4.25 -22.15 9.87
N ALA B 189 -5.15 -23.10 9.97
CA ALA B 189 -5.57 -23.65 11.25
C ALA B 189 -4.38 -24.17 12.02
N ASN B 190 -3.50 -24.86 11.33
CA ASN B 190 -2.32 -25.42 11.97
CA ASN B 190 -2.32 -25.42 12.00
C ASN B 190 -1.39 -24.33 12.51
N TRP B 191 -1.20 -23.27 11.72
CA TRP B 191 -0.41 -22.13 12.17
C TRP B 191 -1.06 -21.41 13.35
N ILE B 192 -2.37 -21.21 13.31
CA ILE B 192 -3.07 -20.59 14.43
C ILE B 192 -2.89 -21.39 15.72
N LYS B 193 -2.95 -22.71 15.64
N LYS B 193 -2.76 -22.71 15.60
CA LYS B 193 -2.73 -23.51 16.84
CA LYS B 193 -2.66 -23.62 16.74
C LYS B 193 -1.35 -23.25 17.42
C LYS B 193 -1.28 -23.65 17.39
N ARG B 194 -0.32 -23.15 16.55
N ARG B 194 -0.27 -23.16 16.68
N ARG B 194 -0.27 -23.10 16.58
CA ARG B 194 1.08 -23.24 16.98
CA ARG B 194 1.11 -23.21 17.16
CA ARG B 194 1.09 -23.21 17.12
C ARG B 194 1.78 -21.89 17.14
C ARG B 194 1.75 -21.83 17.30
C ARG B 194 1.76 -21.84 17.30
N ARG B 195 1.19 -20.78 16.69
CA ARG B 195 1.90 -19.52 16.69
C ARG B 195 2.03 -18.94 18.10
N PRO B 196 3.07 -18.17 18.35
CA PRO B 196 3.13 -17.46 19.63
C PRO B 196 1.85 -16.66 19.85
N GLN B 197 1.36 -16.69 21.09
CA GLN B 197 0.14 -15.99 21.49
C GLN B 197 0.49 -14.59 21.96
N THR B 198 0.09 -13.60 21.20
CA THR B 198 0.31 -12.21 21.51
C THR B 198 -1.01 -11.48 21.40
N LYS B 199 -1.14 -10.35 22.11
CA LYS B 199 -2.38 -9.60 21.99
C LYS B 199 -2.59 -9.13 20.55
N LEU B 200 -1.54 -8.57 19.95
CA LEU B 200 -1.58 -7.90 18.65
C LEU B 200 -0.71 -8.60 17.62
CL CL C . 3.72 12.43 -26.31
C1 EDO D . -12.76 3.74 6.56
O1 EDO D . -12.05 4.89 6.05
C2 EDO D . -14.26 3.99 6.49
O2 EDO D . -14.71 4.12 5.14
H11 EDO D . -12.45 3.55 7.58
H12 EDO D . -12.50 2.86 5.96
HO1 EDO D . -11.10 4.73 6.09
H21 EDO D . -14.79 3.15 6.97
H22 EDO D . -14.52 4.89 7.05
HO2 EDO D . -15.66 4.27 5.12
C1 EDO E . 17.56 -2.66 -7.93
O1 EDO E . 18.34 -2.11 -8.97
C2 EDO E . 17.30 -1.68 -6.79
O2 EDO E . 16.60 -2.45 -5.78
H11 EDO E . 18.08 -3.53 -7.52
H12 EDO E . 16.60 -2.99 -8.34
HO1 EDO E . 18.15 -1.16 -9.04
H21 EDO E . 16.68 -0.84 -7.12
H22 EDO E . 18.23 -1.27 -6.40
HO2 EDO E . 16.66 -2.01 -4.94
N1 GSH F . -4.89 4.65 -0.62
N1 GSH F . -4.78 4.84 -0.35
CA1 GSH F . -6.03 5.24 -1.33
CA1 GSH F . -5.94 5.35 -1.07
C1 GSH F . -5.66 5.44 -2.78
C1 GSH F . -5.57 5.59 -2.54
O11 GSH F . -4.46 5.68 -3.07
O11 GSH F . -4.39 5.88 -2.84
O12 GSH F . -6.56 5.34 -3.67
O12 GSH F . -6.46 5.49 -3.41
CB1 GSH F . -6.39 6.52 -0.60
CB1 GSH F . -6.41 6.63 -0.40
CG1 GSH F . -7.58 7.20 -1.24
CG1 GSH F . -7.68 7.14 -1.05
CD1 GSH F . -7.98 8.43 -0.44
CD1 GSH F . -8.22 8.35 -0.32
OE1 GSH F . -7.90 8.52 0.76
OE1 GSH F . -8.38 8.36 0.86
N2 GSH F . -8.47 9.49 -1.24
N2 GSH F . -8.53 9.51 -1.09
CA2 GSH F . -8.95 10.69 -0.64
CA2 GSH F . -9.11 10.67 -0.48
C2 GSH F . -10.43 10.47 -0.35
C2 GSH F . -10.59 10.44 -0.29
O2 GSH F . -11.14 9.78 -1.03
O2 GSH F . -11.32 9.98 -1.13
CB2 GSH F . -8.82 11.85 -1.63
CB2 GSH F . -8.93 11.86 -1.42
SG2 GSH F . -7.16 12.59 -1.59
SG2 GSH F . -7.17 12.27 -1.66
N3 GSH F . -10.93 11.12 0.81
N3 GSH F . -11.06 10.81 1.02
CA3 GSH F . -12.32 10.93 1.17
CA3 GSH F . -12.46 10.65 1.35
C3 GSH F . -12.49 11.16 2.66
C3 GSH F . -12.55 10.22 2.81
O31 GSH F . -11.51 11.60 3.33
O31 GSH F . -11.50 10.04 3.47
O32 GSH F . -13.59 10.92 3.24
O32 GSH F . -13.66 10.04 3.36
HN11 GSH F . -5.11 4.57 0.35
HN11 GSH F . -4.95 3.89 -0.07
HN12 GSH F . -4.70 3.73 -0.99
HN12 GSH F . -3.98 4.87 -0.95
HA1 GSH F . -6.90 4.59 -1.32
HA1 GSH F . -6.74 4.63 -1.05
HB12 GSH F . -6.61 6.29 0.44
HB12 GSH F . -6.60 6.44 0.65
HB13 GSH F . -5.53 7.20 -0.64
HB13 GSH F . -5.64 7.39 -0.50
HG12 GSH F . -8.41 6.51 -1.26
HG12 GSH F . -8.43 6.35 -1.03
HG13 GSH F . -7.32 7.50 -2.25
HG13 GSH F . -7.47 7.41 -2.08
HN2 GSH F . -8.50 9.38 -2.24
HN2 GSH F . -8.35 9.49 -2.08
HA2 GSH F . -8.40 10.94 0.25
HA2 GSH F . -8.62 10.85 0.46
HB22 GSH F . -9.00 11.47 -2.63
HB22 GSH F . -9.37 11.63 -2.38
HB23 GSH F . -9.55 12.60 -1.39
HB23 GSH F . -9.43 12.72 -0.98
HSG GSH F . -7.14 13.69 -2.33
HSG GSH F . -7.06 13.53 -2.08
HN3 GSH F . -10.33 11.69 1.39
HN3 GSH F . -10.42 11.18 1.70
HA31 GSH F . -12.92 11.66 0.63
HA31 GSH F . -12.98 11.59 1.20
HA32 GSH F . -12.64 9.93 0.91
HA32 GSH F . -12.90 9.89 0.71
C17 VH7 G . -9.23 14.81 1.31
C20 VH7 G . -8.64 16.00 0.59
C22 VH7 G . -9.58 16.47 -0.50
C01 VH7 G . -13.88 16.56 0.24
C05 VH7 G . -13.01 15.87 1.28
C06 VH7 G . -13.68 14.60 1.77
C12 VH7 G . -11.59 15.61 0.77
C14 VH7 G . -10.63 15.09 1.84
C25 VH7 G . -10.97 16.79 0.04
C30 VH7 G . -6.39 16.63 -0.13
C32 VH7 G . -5.13 16.19 -0.74
C33 VH7 G . -4.38 17.11 -1.54
C35 VH7 G . -3.23 16.75 -2.14
C37 VH7 G . -2.76 15.43 -2.02
C39 VH7 G . -1.73 13.54 -2.00
C40 VH7 G . -2.83 13.36 -1.24
C43 VH7 G . -4.68 14.92 -0.62
C45 VH7 G . -0.72 12.54 -2.43
C46 VH7 G . 0.14 12.83 -3.48
C48 VH7 G . 1.03 11.88 -3.94
C50 VH7 G . 1.03 10.62 -3.41
C52 VH7 G . 0.15 10.30 -2.39
C54 VH7 G . -0.74 11.26 -1.91
N28 VH7 G . -7.32 15.69 0.03
N38 VH7 G . -1.68 14.82 -2.49
N42 VH7 G . -3.49 14.56 -1.22
O10 VH7 G . -12.91 16.75 2.42
O31 VH7 G . -6.58 17.82 0.16
H18 VH7 G . -8.57 14.53 2.14
H19 VH7 G . -9.26 13.95 0.63
H21 VH7 G . -8.50 16.80 1.30
H23 VH7 G . -9.66 15.69 -1.26
H24 VH7 G . -9.17 17.35 -0.98
H04 VH7 G . -13.74 16.07 -0.73
H03 VH7 G . -13.61 17.60 0.17
H02 VH7 G . -14.93 16.47 0.52
H07 VH7 G . -13.61 13.83 1.00
H09 VH7 G . -14.73 14.78 1.99
H08 VH7 G . -13.19 14.24 2.67
H13 VH7 G . -11.72 14.80 0.04
H15 VH7 G . -10.57 15.83 2.63
H16 VH7 G . -11.04 14.17 2.28
H27 VH7 G . -11.61 17.09 -0.78
H26 VH7 G . -10.89 17.63 0.73
H34 VH7 G . -4.74 18.12 -1.68
H36 VH7 G . -2.67 17.47 -2.73
H41 VH7 G . -3.13 12.45 -0.74
H44 VH7 G . -5.23 14.19 -0.04
H47 VH7 G . 0.13 13.82 -3.93
H49 VH7 G . 1.71 12.12 -4.75
H51 VH7 G . 1.72 9.87 -3.76
H53 VH7 G . 0.13 9.31 -1.97
H55 VH7 G . -1.42 11.00 -1.12
H29 VH7 G . -7.16 14.73 -0.23
H11 VH7 G . -13.76 16.83 2.89
C1 EDO H . -14.76 -10.88 -7.51
O1 EDO H . -13.68 -11.01 -8.44
C2 EDO H . -14.90 -9.44 -7.04
O2 EDO H . -13.87 -9.12 -6.09
H11 EDO H . -15.69 -11.20 -7.98
H12 EDO H . -14.59 -11.53 -6.65
HO1 EDO H . -13.73 -11.87 -8.89
H21 EDO H . -15.88 -9.28 -6.59
H22 EDO H . -14.82 -8.77 -7.90
HO2 EDO H . -13.83 -8.16 -5.97
N1 GSH I . 3.62 -0.15 5.22
CA1 GSH I . 4.72 -0.76 5.98
C1 GSH I . 4.59 -2.27 5.92
O11 GSH I . 5.66 -2.94 5.92
O12 GSH I . 3.45 -2.78 5.89
CB1 GSH I . 4.59 -0.23 7.39
CG1 GSH I . 5.67 -0.77 8.30
CD1 GSH I . 5.59 -0.18 9.67
OE1 GSH I . 5.07 0.88 9.92
N2 GSH I . 6.28 -0.89 10.67
CA2 GSH I . 6.39 -0.43 12.01
C2 GSH I . 7.85 -0.05 12.27
O2 GSH I . 8.79 -0.59 11.78
CB2 GSH I . 6.15 -1.61 12.98
SG2 GSH I . 4.40 -2.08 13.20
N3 GSH I . 7.98 1.02 13.17
CA3 GSH I . 9.30 1.41 13.61
C3 GSH I . 9.66 2.85 13.37
O31 GSH I . 10.83 3.19 13.74
O32 GSH I . 8.83 3.63 12.87
HN11 GSH I . 3.78 -0.30 4.24
HN12 GSH I . 3.58 0.83 5.41
HA1 GSH I . 5.69 -0.51 5.58
HB12 GSH I . 3.63 -0.50 7.79
HB13 GSH I . 4.67 0.86 7.37
HG12 GSH I . 5.55 -1.85 8.38
HG13 GSH I . 6.64 -0.54 7.88
HN2 GSH I . 6.70 -1.77 10.42
HA2 GSH I . 5.70 0.39 12.16
HB22 GSH I . 6.68 -2.47 12.59
HB23 GSH I . 6.54 -1.33 13.95
HSG GSH I . 4.29 -2.89 14.24
HN3 GSH I . 7.17 1.51 13.50
HA31 GSH I . 9.37 1.21 14.68
HA32 GSH I . 10.03 0.78 13.09
C17 VH7 J . 5.90 -1.37 17.55
C20 VH7 J . 4.77 -0.41 17.21
C22 VH7 J . 5.29 0.75 16.41
C01 VH7 J . 9.91 0.24 18.39
C05 VH7 J . 8.76 1.21 18.16
C06 VH7 J . 9.22 2.31 17.27
C12 VH7 J . 7.56 0.51 17.49
C14 VH7 J . 7.02 -0.66 18.28
C25 VH7 J . 6.43 1.47 17.15
C30 VH7 J . 2.63 -1.60 17.15
C32 VH7 J . 1.67 -2.32 16.30
C33 VH7 J . 0.98 -3.45 16.86
C35 VH7 J . 0.10 -4.16 16.13
C37 VH7 J . -0.17 -3.81 14.81
C39 VH7 J . -0.81 -3.56 12.76
C40 VH7 J . 0.09 -2.57 12.98
C43 VH7 J . 1.42 -1.97 15.02
C45 VH7 J . -1.48 -3.94 11.51
C46 VH7 J . -1.37 -3.13 10.37
C48 VH7 J . -1.91 -3.54 9.17
C50 VH7 J . -2.54 -4.76 9.06
C52 VH7 J . -2.64 -5.58 10.16
C54 VH7 J . -2.09 -5.18 11.38
N28 VH7 J . 3.70 -1.10 16.51
N38 VH7 J . -0.97 -4.35 13.90
N42 VH7 J . 0.50 -2.70 14.29
O10 VH7 J . 8.40 1.80 19.43
O31 VH7 J . 2.51 -1.55 18.38
H18 VH7 J . 5.50 -2.17 18.17
H19 VH7 J . 6.27 -1.82 16.64
H21 VH7 J . 4.33 -0.02 18.13
H23 VH7 J . 5.67 0.40 15.45
H24 VH7 J . 4.49 1.46 16.22
H04 VH7 J . 9.66 -0.44 19.20
H03 VH7 J . 10.10 -0.33 17.48
H02 VH7 J . 10.80 0.79 18.66
H07 VH7 J . 9.23 3.24 17.82
H09 VH7 J . 10.22 2.09 16.90
H08 VH7 J . 8.54 2.40 16.43
H13 VH7 J . 7.96 0.13 16.55
H15 VH7 J . 6.67 -0.32 19.25
H16 VH7 J . 7.83 -1.38 18.46
H27 VH7 J . 6.04 1.91 18.07
H26 VH7 J . 6.80 2.29 16.54
H34 VH7 J . 1.14 -3.74 17.89
H36 VH7 J . -0.39 -5.02 16.57
H41 VH7 J . 0.41 -1.81 12.28
H44 VH7 J . 1.92 -1.14 14.56
H47 VH7 J . -0.86 -2.19 10.43
H49 VH7 J . -1.83 -2.90 8.30
H51 VH7 J . -2.97 -5.07 8.12
H53 VH7 J . -3.12 -6.54 10.08
H55 VH7 J . -2.15 -5.85 12.23
H29 VH7 J . 3.79 -1.18 15.51
H11 VH7 J . 9.18 2.07 19.93
MG MG K . -0.42 1.41 1.45
MG MG L . -5.59 -17.93 -7.29
NA NA M . -12.59 -20.65 13.50
NA NA N . -1.24 3.97 4.45
NA NA O . -18.62 -3.94 -5.56
#